data_7U1M
#
_entry.id   7U1M
#
_cell.length_a   89.609
_cell.length_b   89.609
_cell.length_c   141.502
_cell.angle_alpha   90.000
_cell.angle_beta   90.000
_cell.angle_gamma   120.000
#
_symmetry.space_group_name_H-M   'P 65'
#
loop_
_entity.id
_entity.type
_entity.pdbx_description
1 polymer 'N-terminal Xaa-Pro-Lys N-methyltransferase 1'
2 non-polymer S-ADENOSYL-L-HOMOCYSTEINE
3 non-polymer '(1R,3S,4R)-1-azabicyclo[2.2.2]octan-3-yl {2-[2-(4-fluorophenyl)-1,3-thiazol-4-yl]propan-2-yl}carbamate'
#
_entity_poly.entity_id   1
_entity_poly.type   'polypeptide(L)'
_entity_poly.pdbx_seq_one_letter_code
;MGSSHHHHHHSSGLVPRGSTSEVIEDEKQFYSKAKTYWKQIPPTVDGMLGGYGHISSIDINSSRKFLQRFLREGPNKTGT
SCALDCGAGIGRITKRLLLPLFREVDMVDITEDFLVQAKTYLGEEGKRVRNYFCCGLQDFTPEPDSYDVIWIQWVIGHLT
DQHLAEFLRRCKGSLRPNGIIVIKDNMAQEGVILDDVDSSVCRDLDVVRRIICSAGLSLLAEERQENLPDEIYHVYSFAL
R
;
_entity_poly.pdbx_strand_id   A,B
#
loop_
_chem_comp.id
_chem_comp.type
_chem_comp.name
_chem_comp.formula
KYF non-polymer '(1R,3S,4R)-1-azabicyclo[2.2.2]octan-3-yl {2-[2-(4-fluorophenyl)-1,3-thiazol-4-yl]propan-2-yl}carbamate' 'C20 H24 F N3 O2 S'
SAH non-polymer S-ADENOSYL-L-HOMOCYSTEINE 'C14 H20 N6 O5 S'
#
# COMPACT_ATOMS: atom_id res chain seq x y z
N SER A 21 -1.18 39.53 -10.09
CA SER A 21 -1.21 40.59 -9.08
C SER A 21 0.21 40.97 -8.64
N GLU A 22 1.11 41.05 -9.61
CA GLU A 22 2.52 41.39 -9.37
C GLU A 22 3.10 40.49 -8.28
N VAL A 23 2.94 39.18 -8.47
CA VAL A 23 3.40 38.23 -7.48
C VAL A 23 4.93 38.13 -7.47
N ILE A 24 5.55 38.12 -8.64
CA ILE A 24 7.00 37.95 -8.73
C ILE A 24 7.58 38.97 -9.71
N GLU A 25 8.48 39.81 -9.21
CA GLU A 25 9.26 40.70 -10.07
C GLU A 25 10.53 39.96 -10.45
N ASP A 26 10.69 39.67 -11.75
CA ASP A 26 11.80 38.85 -12.25
C ASP A 26 11.75 37.47 -11.61
N GLU A 27 11.09 36.52 -12.29
CA GLU A 27 10.95 35.15 -11.80
C GLU A 27 12.27 34.50 -11.41
N LYS A 28 13.39 34.97 -11.95
CA LYS A 28 14.69 34.41 -11.59
C LYS A 28 14.96 34.55 -10.10
N GLN A 29 14.68 35.72 -9.53
CA GLN A 29 14.90 35.91 -8.10
C GLN A 29 14.02 34.99 -7.27
N PHE A 30 12.79 34.74 -7.72
CA PHE A 30 11.89 33.83 -7.03
C PHE A 30 12.56 32.48 -6.76
N TYR A 31 13.06 31.84 -7.82
CA TYR A 31 13.68 30.53 -7.68
C TYR A 31 14.98 30.61 -6.89
N SER A 32 15.82 31.61 -7.20
CA SER A 32 17.11 31.74 -6.52
C SER A 32 16.93 31.95 -5.02
N LYS A 33 15.99 32.80 -4.63
CA LYS A 33 15.75 33.05 -3.21
C LYS A 33 15.30 31.79 -2.48
N ALA A 34 14.33 31.07 -3.07
CA ALA A 34 13.84 29.84 -2.45
C ALA A 34 14.92 28.78 -2.37
N LYS A 35 15.70 28.62 -3.43
CA LYS A 35 16.73 27.58 -3.44
C LYS A 35 17.77 27.81 -2.35
N THR A 36 18.18 29.07 -2.15
CA THR A 36 19.12 29.38 -1.09
C THR A 36 18.51 29.11 0.28
N TYR A 37 17.20 29.33 0.43
CA TYR A 37 16.53 29.11 1.71
C TYR A 37 16.63 27.65 2.14
N TRP A 38 16.35 26.71 1.23
CA TRP A 38 16.29 25.31 1.61
C TRP A 38 17.67 24.67 1.76
N LYS A 39 18.73 25.30 1.24
CA LYS A 39 20.07 24.78 1.47
C LYS A 39 20.47 24.88 2.94
N GLN A 40 19.99 25.90 3.63
CA GLN A 40 20.28 26.13 5.05
C GLN A 40 19.18 25.61 5.97
N ILE A 41 18.47 24.58 5.55
CA ILE A 41 17.39 23.98 6.33
C ILE A 41 17.86 22.61 6.82
N PRO A 42 17.68 22.26 8.08
CA PRO A 42 18.16 20.97 8.59
C PRO A 42 17.42 19.82 7.94
N PRO A 43 18.13 18.77 7.54
CA PRO A 43 17.47 17.61 6.92
C PRO A 43 16.70 16.75 7.92
N THR A 44 15.80 17.37 8.66
CA THR A 44 14.94 16.68 9.61
C THR A 44 13.48 16.78 9.16
N VAL A 45 12.66 15.84 9.64
CA VAL A 45 11.23 15.88 9.34
C VAL A 45 10.63 17.21 9.80
N ASP A 46 11.05 17.68 10.98
CA ASP A 46 10.61 18.99 11.45
C ASP A 46 11.06 20.09 10.50
N GLY A 47 12.28 20.00 9.97
CA GLY A 47 12.76 20.98 9.02
C GLY A 47 12.01 20.97 7.71
N MET A 48 11.59 19.78 7.26
CA MET A 48 10.84 19.69 6.01
C MET A 48 9.52 20.44 6.10
N LEU A 49 8.90 20.47 7.27
CA LEU A 49 7.57 21.07 7.45
C LEU A 49 7.65 22.41 8.18
N GLY A 50 8.79 23.08 8.11
CA GLY A 50 8.94 24.38 8.75
C GLY A 50 8.70 24.35 10.25
N GLY A 51 9.09 23.27 10.91
CA GLY A 51 8.87 23.15 12.34
C GLY A 51 7.54 22.57 12.72
N TYR A 52 6.98 21.68 11.90
CA TYR A 52 5.70 21.05 12.19
C TYR A 52 5.77 19.55 11.91
N GLY A 53 6.87 18.93 12.30
CA GLY A 53 7.03 17.49 12.12
C GLY A 53 6.06 16.65 12.92
N HIS A 54 5.35 17.25 13.88
CA HIS A 54 4.40 16.50 14.69
C HIS A 54 3.14 16.14 13.92
N ILE A 55 2.87 16.80 12.79
CA ILE A 55 1.69 16.49 11.99
C ILE A 55 1.96 15.47 10.90
N SER A 56 3.20 14.98 10.79
CA SER A 56 3.54 14.02 9.74
C SER A 56 2.69 12.76 9.85
N SER A 57 2.37 12.34 11.08
CA SER A 57 1.53 11.15 11.25
CA SER A 57 1.53 11.15 11.25
C SER A 57 0.09 11.40 10.81
N ILE A 58 -0.40 12.64 10.98
CA ILE A 58 -1.76 12.97 10.55
C ILE A 58 -1.83 13.03 9.03
N ASP A 59 -0.84 13.69 8.41
CA ASP A 59 -0.83 13.82 6.95
C ASP A 59 -0.75 12.45 6.27
N ILE A 60 0.20 11.62 6.69
CA ILE A 60 0.43 10.33 6.02
C ILE A 60 -0.83 9.48 6.04
N ASN A 61 -1.49 9.40 7.20
CA ASN A 61 -2.65 8.53 7.35
C ASN A 61 -3.81 8.99 6.47
N SER A 62 -4.05 10.30 6.41
CA SER A 62 -5.11 10.81 5.55
C SER A 62 -4.75 10.65 4.08
N SER A 63 -3.47 10.82 3.75
CA SER A 63 -3.00 10.52 2.40
C SER A 63 -3.16 9.04 2.08
N ARG A 64 -2.94 8.18 3.09
CA ARG A 64 -3.14 6.75 2.90
C ARG A 64 -4.59 6.44 2.54
N LYS A 65 -5.54 7.05 3.25
CA LYS A 65 -6.95 6.84 2.95
C LYS A 65 -7.32 7.43 1.59
N PHE A 66 -6.92 8.67 1.33
CA PHE A 66 -7.24 9.34 0.07
C PHE A 66 -6.68 8.59 -1.13
N LEU A 67 -5.56 7.88 -0.95
CA LEU A 67 -4.95 7.17 -2.07
C LEU A 67 -5.62 5.84 -2.38
N GLN A 68 -6.21 5.20 -1.35
CA GLN A 68 -6.86 3.92 -1.56
C GLN A 68 -8.06 4.00 -2.49
N ARG A 69 -8.64 5.19 -2.66
CA ARG A 69 -9.78 5.35 -3.56
C ARG A 69 -9.47 4.85 -4.96
N PHE A 70 -8.21 4.97 -5.39
CA PHE A 70 -7.78 4.53 -6.70
C PHE A 70 -6.97 3.25 -6.67
N LEU A 71 -6.52 2.81 -5.49
CA LEU A 71 -5.80 1.56 -5.33
C LEU A 71 -6.72 0.38 -5.01
N ARG A 72 -7.86 0.64 -4.39
CA ARG A 72 -8.83 -0.41 -4.14
C ARG A 72 -9.38 -0.95 -5.44
N GLU A 73 -9.72 -2.24 -5.45
CA GLU A 73 -10.21 -2.88 -6.67
C GLU A 73 -11.42 -2.11 -7.20
N GLY A 74 -11.41 -1.86 -8.50
CA GLY A 74 -12.47 -1.10 -9.13
C GLY A 74 -12.41 -1.15 -10.64
N PRO A 75 -13.08 -0.21 -11.28
CA PRO A 75 -13.09 -0.17 -12.75
C PRO A 75 -11.73 0.13 -13.34
N ASN A 76 -11.11 1.21 -12.87
CA ASN A 76 -9.78 1.64 -13.32
C ASN A 76 -8.84 1.65 -12.12
N LYS A 77 -8.27 0.48 -11.82
CA LYS A 77 -7.37 0.36 -10.67
C LYS A 77 -6.00 0.93 -11.02
N THR A 78 -5.50 1.81 -10.16
CA THR A 78 -4.18 2.38 -10.35
C THR A 78 -3.11 1.37 -9.96
N GLY A 79 -2.02 1.35 -10.72
CA GLY A 79 -0.99 0.35 -10.52
C GLY A 79 -0.23 0.54 -9.22
N THR A 80 0.58 -0.48 -8.91
CA THR A 80 1.38 -0.48 -7.69
C THR A 80 2.84 -0.78 -7.98
N SER A 81 3.30 -0.49 -9.21
CA SER A 81 4.65 -0.83 -9.64
C SER A 81 5.64 0.30 -9.33
N CYS A 82 5.30 1.53 -9.69
CA CYS A 82 6.24 2.64 -9.51
C CYS A 82 5.48 3.92 -9.18
N ALA A 83 6.14 4.79 -8.42
CA ALA A 83 5.58 6.07 -8.05
C ALA A 83 6.69 7.12 -8.06
N LEU A 84 6.29 8.39 -8.16
CA LEU A 84 7.22 9.50 -8.18
C LEU A 84 6.84 10.49 -7.09
N ASP A 85 7.74 10.72 -6.14
CA ASP A 85 7.55 11.68 -5.06
C ASP A 85 8.24 12.98 -5.46
N CYS A 86 7.46 14.00 -5.80
CA CYS A 86 8.03 15.30 -6.10
C CYS A 86 8.22 16.09 -4.81
N GLY A 87 9.22 16.95 -4.80
CA GLY A 87 9.58 17.61 -3.56
C GLY A 87 10.36 16.63 -2.72
N ALA A 88 9.61 15.72 -2.09
CA ALA A 88 10.11 14.51 -1.44
C ALA A 88 10.98 14.75 -0.22
N GLY A 89 11.70 15.86 -0.16
CA GLY A 89 12.46 16.12 1.06
C GLY A 89 13.53 15.07 1.27
N ILE A 90 13.72 14.70 2.53
CA ILE A 90 14.62 13.61 2.90
C ILE A 90 13.91 12.28 2.75
N GLY A 91 12.72 12.30 2.15
CA GLY A 91 11.94 11.11 1.94
C GLY A 91 10.82 10.88 2.94
N ARG A 92 10.26 11.94 3.51
CA ARG A 92 9.19 11.80 4.50
C ARG A 92 7.99 11.05 3.92
N ILE A 93 7.45 11.54 2.80
CA ILE A 93 6.31 10.89 2.18
C ILE A 93 6.74 9.57 1.54
N THR A 94 7.95 9.54 0.97
CA THR A 94 8.45 8.31 0.36
C THR A 94 8.47 7.16 1.36
N LYS A 95 8.98 7.40 2.56
CA LYS A 95 9.18 6.31 3.51
C LYS A 95 7.85 5.78 4.05
N ARG A 96 7.02 6.66 4.60
CA ARG A 96 5.83 6.19 5.30
C ARG A 96 4.72 5.77 4.34
N LEU A 97 4.54 6.51 3.24
CA LEU A 97 3.37 6.31 2.37
C LEU A 97 3.68 5.52 1.11
N LEU A 98 4.59 6.03 0.27
CA LEU A 98 4.77 5.44 -1.06
C LEU A 98 5.54 4.12 -1.00
N LEU A 99 6.67 4.10 -0.32
CA LEU A 99 7.50 2.90 -0.31
C LEU A 99 6.79 1.64 0.17
N PRO A 100 5.95 1.67 1.21
CA PRO A 100 5.24 0.43 1.59
C PRO A 100 4.28 -0.07 0.53
N LEU A 101 3.79 0.80 -0.35
CA LEU A 101 2.75 0.45 -1.32
C LEU A 101 3.29 0.05 -2.68
N PHE A 102 4.31 0.73 -3.19
CA PHE A 102 4.80 0.54 -4.54
C PHE A 102 6.13 -0.22 -4.56
N ARG A 103 6.39 -0.89 -5.69
CA ARG A 103 7.62 -1.66 -5.83
C ARG A 103 8.85 -0.76 -5.83
N GLU A 104 8.98 0.10 -6.82
CA GLU A 104 10.06 1.07 -6.87
C GLU A 104 9.48 2.47 -6.76
N VAL A 105 10.30 3.39 -6.24
CA VAL A 105 9.89 4.78 -6.02
C VAL A 105 11.02 5.69 -6.49
N ASP A 106 10.67 6.73 -7.24
CA ASP A 106 11.62 7.76 -7.67
C ASP A 106 11.36 9.04 -6.89
N MET A 107 12.40 9.84 -6.72
CA MET A 107 12.33 11.09 -5.99
C MET A 107 12.98 12.18 -6.82
N VAL A 108 12.47 13.40 -6.67
CA VAL A 108 13.00 14.57 -7.39
C VAL A 108 12.94 15.77 -6.45
N ASP A 109 14.05 16.52 -6.40
CA ASP A 109 14.18 17.66 -5.51
C ASP A 109 15.32 18.51 -6.02
N ILE A 110 15.29 19.80 -5.65
CA ILE A 110 16.33 20.72 -6.09
C ILE A 110 17.51 20.79 -5.12
N THR A 111 17.32 20.37 -3.87
CA THR A 111 18.36 20.46 -2.84
C THR A 111 19.06 19.11 -2.71
N GLU A 112 20.30 19.05 -3.21
CA GLU A 112 21.07 17.80 -3.18
C GLU A 112 21.24 17.28 -1.75
N ASP A 113 21.41 18.20 -0.78
CA ASP A 113 21.63 17.79 0.61
C ASP A 113 20.54 16.87 1.13
N PHE A 114 19.27 17.19 0.81
CA PHE A 114 18.17 16.38 1.31
C PHE A 114 18.17 14.98 0.70
N LEU A 115 18.52 14.87 -0.58
CA LEU A 115 18.54 13.56 -1.23
C LEU A 115 19.65 12.68 -0.68
N VAL A 116 20.78 13.28 -0.28
CA VAL A 116 21.86 12.50 0.30
C VAL A 116 21.45 11.97 1.67
N GLN A 117 20.92 12.85 2.53
CA GLN A 117 20.46 12.42 3.85
C GLN A 117 19.29 11.45 3.75
N ALA A 118 18.60 11.42 2.61
CA ALA A 118 17.48 10.49 2.44
C ALA A 118 17.94 9.04 2.54
N LYS A 119 19.14 8.74 2.04
CA LYS A 119 19.62 7.37 2.03
CA LYS A 119 19.62 7.37 2.03
C LYS A 119 19.70 6.80 3.44
N THR A 120 19.98 7.65 4.44
CA THR A 120 19.99 7.18 5.82
C THR A 120 18.60 7.23 6.44
N TYR A 121 17.82 8.26 6.12
CA TYR A 121 16.46 8.37 6.63
C TYR A 121 15.61 7.19 6.17
N LEU A 122 15.66 6.87 4.88
CA LEU A 122 14.92 5.74 4.37
C LEU A 122 15.58 4.42 4.80
N GLY A 123 16.90 4.35 4.68
CA GLY A 123 17.64 3.21 5.21
C GLY A 123 17.42 1.94 4.41
N GLU A 124 17.03 0.87 5.13
CA GLU A 124 16.94 -0.45 4.51
C GLU A 124 15.96 -0.47 3.34
N GLU A 125 14.83 0.21 3.48
CA GLU A 125 13.85 0.28 2.41
C GLU A 125 14.22 1.30 1.34
N GLY A 126 15.19 2.18 1.62
CA GLY A 126 15.67 3.12 0.62
C GLY A 126 16.43 2.49 -0.52
N LYS A 127 16.72 1.19 -0.46
CA LYS A 127 17.37 0.53 -1.58
C LYS A 127 16.42 0.33 -2.74
N ARG A 128 15.12 0.20 -2.47
CA ARG A 128 14.13 0.14 -3.54
C ARG A 128 13.88 1.48 -4.20
N VAL A 129 14.36 2.57 -3.61
CA VAL A 129 14.31 3.88 -4.26
C VAL A 129 15.15 3.81 -5.53
N ARG A 130 14.50 3.88 -6.68
CA ARG A 130 15.16 3.56 -7.94
C ARG A 130 16.04 4.72 -8.42
N ASN A 131 15.53 5.95 -8.38
CA ASN A 131 16.27 7.08 -8.90
C ASN A 131 16.17 8.27 -7.97
N TYR A 132 17.27 9.02 -7.86
CA TYR A 132 17.30 10.31 -7.20
C TYR A 132 17.57 11.38 -8.25
N PHE A 133 16.64 12.31 -8.41
CA PHE A 133 16.78 13.41 -9.36
C PHE A 133 17.05 14.70 -8.60
N CYS A 134 18.06 15.44 -9.04
CA CYS A 134 18.46 16.68 -8.40
C CYS A 134 18.32 17.83 -9.41
N CYS A 135 17.13 18.41 -9.46
CA CYS A 135 16.86 19.57 -10.31
C CYS A 135 15.51 20.13 -9.90
N GLY A 136 15.21 21.33 -10.39
CA GLY A 136 13.93 21.95 -10.13
C GLY A 136 12.83 21.39 -11.01
N LEU A 137 11.59 21.47 -10.50
CA LEU A 137 10.45 20.96 -11.24
C LEU A 137 10.21 21.76 -12.52
N GLN A 138 10.55 23.05 -12.52
CA GLN A 138 10.41 23.86 -13.73
C GLN A 138 11.33 23.37 -14.85
N ASP A 139 12.33 22.56 -14.53
CA ASP A 139 13.22 21.99 -15.53
C ASP A 139 13.16 20.47 -15.60
N PHE A 140 12.40 19.82 -14.73
CA PHE A 140 12.34 18.37 -14.67
C PHE A 140 11.31 17.84 -15.65
N THR A 141 11.69 16.80 -16.40
CA THR A 141 10.80 16.16 -17.36
C THR A 141 10.73 14.68 -17.05
N PRO A 142 9.66 14.22 -16.39
CA PRO A 142 9.59 12.80 -16.03
C PRO A 142 9.53 11.91 -17.26
N GLU A 143 10.18 10.75 -17.14
CA GLU A 143 10.23 9.81 -18.25
C GLU A 143 8.81 9.33 -18.59
N PRO A 144 8.49 9.17 -19.87
CA PRO A 144 7.12 8.82 -20.24
C PRO A 144 6.78 7.38 -19.90
N ASP A 145 5.49 7.14 -19.63
CA ASP A 145 4.96 5.81 -19.37
C ASP A 145 5.74 5.11 -18.26
N SER A 146 5.96 5.83 -17.17
CA SER A 146 6.85 5.35 -16.11
C SER A 146 6.18 5.19 -14.76
N TYR A 147 5.32 6.12 -14.36
CA TYR A 147 4.79 6.17 -13.00
C TYR A 147 3.30 5.87 -12.98
N ASP A 148 2.87 5.15 -11.95
CA ASP A 148 1.45 4.94 -11.68
C ASP A 148 0.87 6.04 -10.80
N VAL A 149 1.68 6.64 -9.92
CA VAL A 149 1.25 7.73 -9.05
C VAL A 149 2.37 8.76 -9.01
N ILE A 150 2.01 10.02 -9.21
CA ILE A 150 2.96 11.14 -9.15
C ILE A 150 2.52 12.03 -8.00
N TRP A 151 3.21 11.93 -6.86
CA TRP A 151 2.84 12.66 -5.67
C TRP A 151 3.56 14.00 -5.61
N ILE A 152 2.80 15.07 -5.44
CA ILE A 152 3.31 16.44 -5.41
C ILE A 152 2.71 17.10 -4.17
N GLN A 153 3.52 17.26 -3.12
CA GLN A 153 3.02 17.78 -1.84
C GLN A 153 3.87 18.93 -1.36
N TRP A 154 3.22 20.06 -1.07
CA TRP A 154 3.84 21.21 -0.40
C TRP A 154 5.07 21.70 -1.15
N VAL A 155 4.91 21.92 -2.45
CA VAL A 155 6.02 22.45 -3.26
C VAL A 155 5.50 23.41 -4.31
N ILE A 156 4.19 23.36 -4.61
CA ILE A 156 3.65 24.14 -5.71
C ILE A 156 3.74 25.64 -5.45
N GLY A 157 3.96 26.05 -4.20
CA GLY A 157 4.11 27.45 -3.89
C GLY A 157 5.39 28.06 -4.41
N HIS A 158 6.35 27.26 -4.86
CA HIS A 158 7.64 27.75 -5.32
C HIS A 158 7.72 27.88 -6.84
N LEU A 159 6.67 27.48 -7.57
CA LEU A 159 6.65 27.56 -9.02
C LEU A 159 5.74 28.69 -9.48
N THR A 160 6.06 29.25 -10.64
CA THR A 160 5.21 30.27 -11.24
C THR A 160 3.94 29.63 -11.79
N ASP A 161 2.93 30.48 -12.05
CA ASP A 161 1.67 29.99 -12.59
C ASP A 161 1.85 29.31 -13.93
N GLN A 162 2.81 29.76 -14.74
CA GLN A 162 3.02 29.14 -16.05
C GLN A 162 3.86 27.88 -15.94
N HIS A 163 4.90 27.90 -15.10
CA HIS A 163 5.74 26.71 -14.95
C HIS A 163 4.98 25.58 -14.30
N LEU A 164 4.09 25.88 -13.35
CA LEU A 164 3.27 24.85 -12.73
C LEU A 164 2.33 24.20 -13.74
N ALA A 165 1.79 25.00 -14.67
CA ALA A 165 0.93 24.44 -15.70
C ALA A 165 1.73 23.63 -16.70
N GLU A 166 2.92 24.11 -17.08
CA GLU A 166 3.77 23.36 -17.98
C GLU A 166 4.22 22.05 -17.35
N PHE A 167 4.54 22.07 -16.06
CA PHE A 167 4.98 20.86 -15.38
C PHE A 167 3.88 19.81 -15.34
N LEU A 168 2.66 20.22 -14.96
CA LEU A 168 1.55 19.28 -14.95
C LEU A 168 1.26 18.73 -16.34
N ARG A 169 1.52 19.52 -17.38
CA ARG A 169 1.37 19.02 -18.74
C ARG A 169 2.36 17.89 -19.03
N ARG A 170 3.59 18.02 -18.52
CA ARG A 170 4.59 16.98 -18.73
C ARG A 170 4.28 15.73 -17.92
N CYS A 171 3.73 15.90 -16.71
CA CYS A 171 3.41 14.75 -15.88
C CYS A 171 2.31 13.90 -16.49
N LYS A 172 1.40 14.51 -17.25
CA LYS A 172 0.32 13.75 -17.88
C LYS A 172 0.87 12.71 -18.84
N GLY A 173 1.92 13.05 -19.59
CA GLY A 173 2.52 12.12 -20.52
C GLY A 173 3.40 11.06 -19.89
N SER A 174 3.74 11.22 -18.61
CA SER A 174 4.58 10.25 -17.91
C SER A 174 3.76 9.19 -17.16
N LEU A 175 2.44 9.35 -17.11
CA LEU A 175 1.59 8.42 -16.39
C LEU A 175 1.39 7.13 -17.18
N ARG A 176 1.35 6.01 -16.48
CA ARG A 176 0.97 4.74 -17.06
C ARG A 176 -0.54 4.68 -17.18
N PRO A 177 -1.09 3.71 -17.91
CA PRO A 177 -2.55 3.55 -17.95
C PRO A 177 -3.13 3.47 -16.55
N ASN A 178 -4.24 4.18 -16.35
CA ASN A 178 -4.94 4.33 -15.08
C ASN A 178 -4.12 5.09 -14.04
N GLY A 179 -2.96 5.63 -14.42
CA GLY A 179 -2.17 6.40 -13.48
C GLY A 179 -2.83 7.71 -13.11
N ILE A 180 -2.47 8.21 -11.92
CA ILE A 180 -3.07 9.43 -11.38
C ILE A 180 -1.98 10.41 -10.96
N ILE A 181 -2.37 11.67 -10.83
CA ILE A 181 -1.52 12.73 -10.31
C ILE A 181 -2.19 13.31 -9.06
N VAL A 182 -1.42 13.43 -7.98
CA VAL A 182 -1.94 13.89 -6.69
C VAL A 182 -1.22 15.17 -6.30
N ILE A 183 -1.99 16.19 -5.94
CA ILE A 183 -1.47 17.47 -5.49
C ILE A 183 -2.04 17.76 -4.11
N LYS A 184 -1.16 17.93 -3.11
CA LYS A 184 -1.56 18.22 -1.74
C LYS A 184 -0.74 19.41 -1.25
N ASP A 185 -1.34 20.60 -1.24
CA ASP A 185 -0.61 21.81 -0.89
C ASP A 185 -1.53 22.77 -0.15
N ASN A 186 -0.99 23.94 0.19
CA ASN A 186 -1.71 24.93 0.97
C ASN A 186 -2.60 25.80 0.09
N MET A 187 -3.81 26.08 0.58
CA MET A 187 -4.78 26.90 -0.12
C MET A 187 -5.21 28.05 0.78
N ALA A 188 -5.11 29.27 0.27
CA ALA A 188 -5.49 30.45 1.04
C ALA A 188 -7.00 30.64 1.07
N GLN A 189 -7.46 31.39 2.06
CA GLN A 189 -8.89 31.66 2.21
C GLN A 189 -9.39 32.68 1.20
N GLU A 190 -8.60 33.71 0.94
CA GLU A 190 -9.01 34.80 0.06
C GLU A 190 -7.77 35.52 -0.44
N GLY A 191 -7.53 35.45 -1.75
CA GLY A 191 -6.42 36.17 -2.34
C GLY A 191 -5.17 35.33 -2.42
N VAL A 192 -4.15 35.91 -3.04
CA VAL A 192 -2.84 35.28 -3.16
C VAL A 192 -1.96 35.80 -2.02
N ILE A 193 -1.48 34.89 -1.19
CA ILE A 193 -0.65 35.23 -0.03
C ILE A 193 0.81 34.97 -0.39
N LEU A 194 1.62 36.02 -0.39
CA LEU A 194 3.05 35.92 -0.65
C LEU A 194 3.77 35.71 0.68
N ASP A 195 4.37 34.53 0.85
CA ASP A 195 5.13 34.21 2.06
C ASP A 195 6.61 34.37 1.72
N ASP A 196 7.13 35.58 1.92
CA ASP A 196 8.51 35.89 1.59
C ASP A 196 9.51 35.25 2.56
N VAL A 197 9.04 34.61 3.63
CA VAL A 197 9.95 33.96 4.57
C VAL A 197 10.67 32.81 3.89
N ASP A 198 10.03 32.15 2.92
CA ASP A 198 10.64 31.07 2.17
C ASP A 198 10.54 31.26 0.67
N SER A 199 10.13 32.45 0.20
CA SER A 199 9.99 32.76 -1.22
C SER A 199 9.00 31.79 -1.88
N SER A 200 7.78 31.79 -1.37
CA SER A 200 6.71 30.95 -1.90
C SER A 200 5.42 31.76 -1.96
N VAL A 201 4.58 31.41 -2.93
CA VAL A 201 3.28 32.05 -3.12
C VAL A 201 2.20 31.03 -2.79
N CYS A 202 1.23 31.44 -1.98
CA CYS A 202 0.09 30.60 -1.63
C CYS A 202 -1.12 31.06 -2.44
N ARG A 203 -1.79 30.10 -3.07
CA ARG A 203 -2.93 30.39 -3.93
C ARG A 203 -4.21 29.88 -3.29
N ASP A 204 -5.33 30.35 -3.83
CA ASP A 204 -6.64 29.86 -3.44
C ASP A 204 -7.11 28.78 -4.41
N LEU A 205 -8.20 28.11 -4.03
CA LEU A 205 -8.72 26.99 -4.81
C LEU A 205 -8.98 27.37 -6.26
N ASP A 206 -9.39 28.61 -6.52
CA ASP A 206 -9.77 29.01 -7.87
C ASP A 206 -8.56 29.03 -8.81
N VAL A 207 -7.48 29.69 -8.39
CA VAL A 207 -6.29 29.78 -9.23
C VAL A 207 -5.69 28.40 -9.47
N VAL A 208 -5.73 27.53 -8.46
CA VAL A 208 -5.17 26.19 -8.60
C VAL A 208 -5.98 25.39 -9.63
N ARG A 209 -7.31 25.38 -9.48
CA ARG A 209 -8.14 24.61 -10.39
C ARG A 209 -8.04 25.13 -11.83
N ARG A 210 -7.83 26.45 -11.99
CA ARG A 210 -7.61 26.98 -13.33
C ARG A 210 -6.33 26.44 -13.95
N ILE A 211 -5.25 26.36 -13.15
CA ILE A 211 -3.99 25.85 -13.66
C ILE A 211 -4.11 24.36 -13.96
N ILE A 212 -4.82 23.61 -13.09
CA ILE A 212 -5.01 22.18 -13.33
C ILE A 212 -5.73 21.96 -14.64
N CYS A 213 -6.84 22.67 -14.84
CA CYS A 213 -7.60 22.52 -16.08
C CYS A 213 -6.82 23.02 -17.29
N SER A 214 -5.94 24.02 -17.09
CA SER A 214 -5.17 24.56 -18.20
C SER A 214 -4.13 23.58 -18.73
N ALA A 215 -3.78 22.56 -17.94
CA ALA A 215 -2.84 21.54 -18.38
C ALA A 215 -3.51 20.38 -19.11
N GLY A 216 -4.84 20.36 -19.16
CA GLY A 216 -5.54 19.26 -19.80
C GLY A 216 -5.79 18.08 -18.88
N LEU A 217 -5.98 18.32 -17.59
CA LEU A 217 -6.16 17.28 -16.61
C LEU A 217 -7.59 17.29 -16.10
N SER A 218 -8.05 16.13 -15.64
CA SER A 218 -9.40 15.97 -15.13
C SER A 218 -9.38 15.86 -13.60
N LEU A 219 -10.34 16.51 -12.96
CA LEU A 219 -10.48 16.41 -11.51
C LEU A 219 -11.19 15.10 -11.17
N LEU A 220 -10.54 14.28 -10.35
CA LEU A 220 -11.11 13.01 -9.93
C LEU A 220 -11.65 13.03 -8.50
N ALA A 221 -10.97 13.74 -7.61
CA ALA A 221 -11.41 13.85 -6.23
C ALA A 221 -10.75 15.06 -5.59
N GLU A 222 -11.47 15.70 -4.68
CA GLU A 222 -10.96 16.85 -3.94
C GLU A 222 -11.36 16.71 -2.49
N GLU A 223 -10.38 16.71 -1.59
CA GLU A 223 -10.60 16.48 -0.18
C GLU A 223 -9.75 17.44 0.62
N ARG A 224 -10.29 17.94 1.73
CA ARG A 224 -9.58 18.85 2.60
C ARG A 224 -9.07 18.08 3.82
N GLN A 225 -7.77 18.23 4.10
CA GLN A 225 -7.19 17.61 5.27
C GLN A 225 -7.72 18.29 6.54
N GLU A 226 -8.23 17.49 7.46
CA GLU A 226 -8.72 17.99 8.74
C GLU A 226 -7.72 17.62 9.84
N ASN A 227 -8.14 17.84 11.09
CA ASN A 227 -7.28 17.60 12.25
C ASN A 227 -5.96 18.37 12.16
N LEU A 228 -5.99 19.56 11.55
CA LEU A 228 -4.78 20.34 11.44
C LEU A 228 -4.90 21.63 12.25
N PRO A 229 -3.79 22.08 12.84
CA PRO A 229 -3.83 23.34 13.60
C PRO A 229 -4.32 24.50 12.74
N ASP A 230 -5.03 25.42 13.39
CA ASP A 230 -5.60 26.57 12.69
C ASP A 230 -4.52 27.55 12.21
N GLU A 231 -3.34 27.53 12.82
CA GLU A 231 -2.32 28.50 12.46
C GLU A 231 -1.84 28.33 11.03
N ILE A 232 -1.81 27.10 10.53
CA ILE A 232 -1.27 26.81 9.20
C ILE A 232 -2.35 27.06 8.16
N TYR A 233 -1.96 27.10 6.89
CA TYR A 233 -2.91 27.27 5.81
C TYR A 233 -3.83 26.05 5.71
N HIS A 234 -4.93 26.21 4.96
CA HIS A 234 -5.79 25.09 4.67
C HIS A 234 -5.11 24.19 3.64
N VAL A 235 -5.26 22.87 3.83
CA VAL A 235 -4.59 21.88 2.99
C VAL A 235 -5.65 21.09 2.23
N TYR A 236 -5.50 21.03 0.92
CA TYR A 236 -6.40 20.30 0.05
C TYR A 236 -5.62 19.30 -0.79
N SER A 237 -6.28 18.21 -1.16
CA SER A 237 -5.69 17.16 -1.98
C SER A 237 -6.51 17.03 -3.26
N PHE A 238 -5.82 16.96 -4.40
CA PHE A 238 -6.46 16.82 -5.70
C PHE A 238 -5.95 15.56 -6.39
N ALA A 239 -6.87 14.82 -6.99
CA ALA A 239 -6.54 13.63 -7.76
C ALA A 239 -6.79 13.94 -9.24
N LEU A 240 -5.74 13.79 -10.05
CA LEU A 240 -5.80 14.17 -11.45
C LEU A 240 -5.29 13.03 -12.33
N ARG A 241 -5.76 13.01 -13.57
CA ARG A 241 -5.25 12.08 -14.58
C ARG A 241 -5.63 12.55 -15.98
N SER B 21 11.19 -16.97 -6.74
CA SER B 21 11.67 -16.10 -7.81
C SER B 21 12.78 -16.75 -8.61
N GLU B 22 13.71 -17.39 -7.91
CA GLU B 22 14.83 -18.05 -8.58
C GLU B 22 14.36 -19.28 -9.34
N VAL B 23 13.57 -20.14 -8.69
CA VAL B 23 13.08 -21.35 -9.34
C VAL B 23 12.03 -21.00 -10.39
N ILE B 24 11.14 -20.05 -10.06
CA ILE B 24 10.07 -19.66 -10.97
C ILE B 24 10.69 -19.08 -12.23
N GLU B 25 10.34 -19.65 -13.39
CA GLU B 25 10.84 -19.16 -14.67
C GLU B 25 9.96 -18.04 -15.24
N ASP B 26 8.72 -18.36 -15.59
CA ASP B 26 7.84 -17.41 -16.27
C ASP B 26 6.74 -17.00 -15.29
N GLU B 27 6.97 -15.89 -14.58
CA GLU B 27 5.99 -15.39 -13.62
C GLU B 27 4.61 -15.21 -14.24
N LYS B 28 4.55 -14.91 -15.53
CA LYS B 28 3.25 -14.82 -16.21
C LYS B 28 2.57 -16.18 -16.28
N GLN B 29 3.32 -17.21 -16.70
CA GLN B 29 2.76 -18.55 -16.80
C GLN B 29 2.37 -19.10 -15.44
N PHE B 30 3.16 -18.78 -14.40
CA PHE B 30 2.87 -19.22 -13.04
C PHE B 30 1.44 -18.87 -12.63
N TYR B 31 1.08 -17.59 -12.74
CA TYR B 31 -0.25 -17.14 -12.32
C TYR B 31 -1.33 -17.69 -13.24
N SER B 32 -1.11 -17.63 -14.56
CA SER B 32 -2.12 -18.10 -15.51
C SER B 32 -2.42 -19.58 -15.30
N LYS B 33 -1.39 -20.40 -15.11
CA LYS B 33 -1.60 -21.83 -14.88
C LYS B 33 -2.40 -22.07 -13.60
N ALA B 34 -2.04 -21.35 -12.52
CA ALA B 34 -2.75 -21.53 -11.26
C ALA B 34 -4.22 -21.11 -11.39
N LYS B 35 -4.48 -20.00 -12.08
CA LYS B 35 -5.86 -19.53 -12.24
C LYS B 35 -6.70 -20.54 -13.02
N THR B 36 -6.13 -21.12 -14.07
CA THR B 36 -6.85 -22.14 -14.84
C THR B 36 -7.09 -23.39 -14.00
N TYR B 37 -6.14 -23.73 -13.13
CA TYR B 37 -6.28 -24.92 -12.30
C TYR B 37 -7.50 -24.83 -11.39
N TRP B 38 -7.65 -23.70 -10.69
CA TRP B 38 -8.73 -23.56 -9.72
C TRP B 38 -10.08 -23.25 -10.37
N LYS B 39 -10.09 -22.83 -11.64
CA LYS B 39 -11.36 -22.63 -12.32
C LYS B 39 -12.10 -23.96 -12.53
N GLN B 40 -11.36 -25.05 -12.74
CA GLN B 40 -11.95 -26.36 -12.97
C GLN B 40 -11.97 -27.21 -11.69
N ILE B 41 -12.02 -26.56 -10.53
CA ILE B 41 -12.06 -27.24 -9.24
C ILE B 41 -13.45 -27.02 -8.65
N PRO B 42 -14.11 -28.06 -8.12
CA PRO B 42 -15.46 -27.89 -7.59
C PRO B 42 -15.45 -27.00 -6.37
N PRO B 43 -16.42 -26.07 -6.27
CA PRO B 43 -16.48 -25.18 -5.10
C PRO B 43 -16.99 -25.89 -3.85
N THR B 44 -16.33 -26.98 -3.46
CA THR B 44 -16.66 -27.72 -2.26
C THR B 44 -15.52 -27.62 -1.26
N VAL B 45 -15.84 -27.88 0.01
CA VAL B 45 -14.83 -27.89 1.06
C VAL B 45 -13.72 -28.88 0.72
N ASP B 46 -14.10 -30.06 0.22
CA ASP B 46 -13.10 -31.03 -0.21
C ASP B 46 -12.25 -30.48 -1.34
N GLY B 47 -12.87 -29.74 -2.26
CA GLY B 47 -12.11 -29.14 -3.35
C GLY B 47 -11.12 -28.08 -2.89
N MET B 48 -11.48 -27.33 -1.85
CA MET B 48 -10.58 -26.32 -1.31
C MET B 48 -9.30 -26.94 -0.77
N LEU B 49 -9.38 -28.16 -0.22
CA LEU B 49 -8.26 -28.81 0.44
C LEU B 49 -7.64 -29.92 -0.40
N GLY B 50 -7.86 -29.90 -1.72
CA GLY B 50 -7.29 -30.91 -2.59
C GLY B 50 -7.68 -32.33 -2.23
N GLY B 51 -8.91 -32.53 -1.77
CA GLY B 51 -9.36 -33.84 -1.37
C GLY B 51 -9.05 -34.23 0.05
N TYR B 52 -9.02 -33.26 0.97
CA TYR B 52 -8.74 -33.50 2.37
C TYR B 52 -9.73 -32.74 3.26
N GLY B 53 -11.00 -32.75 2.87
CA GLY B 53 -12.04 -32.06 3.64
C GLY B 53 -12.25 -32.60 5.03
N HIS B 54 -11.70 -33.77 5.36
CA HIS B 54 -11.87 -34.35 6.69
C HIS B 54 -11.05 -33.62 7.76
N ILE B 55 -10.07 -32.81 7.35
CA ILE B 55 -9.24 -32.09 8.32
C ILE B 55 -9.74 -30.68 8.60
N SER B 56 -10.87 -30.28 8.00
CA SER B 56 -11.36 -28.91 8.17
C SER B 56 -11.60 -28.56 9.63
N SER B 57 -12.28 -29.45 10.37
CA SER B 57 -12.58 -29.17 11.77
C SER B 57 -11.33 -29.22 12.63
N ILE B 58 -10.33 -30.02 12.24
CA ILE B 58 -9.07 -30.06 12.98
C ILE B 58 -8.38 -28.71 12.91
N ASP B 59 -8.33 -28.12 11.71
CA ASP B 59 -7.69 -26.83 11.53
C ASP B 59 -8.42 -25.73 12.30
N ILE B 60 -9.74 -25.65 12.14
CA ILE B 60 -10.51 -24.52 12.66
C ILE B 60 -10.32 -24.37 14.17
N ASN B 61 -10.45 -25.46 14.91
CA ASN B 61 -10.38 -25.36 16.36
C ASN B 61 -8.98 -24.98 16.84
N SER B 62 -7.94 -25.56 16.22
CA SER B 62 -6.58 -25.23 16.62
C SER B 62 -6.21 -23.81 16.21
N SER B 63 -6.71 -23.37 15.05
CA SER B 63 -6.54 -21.96 14.67
C SER B 63 -7.28 -21.04 15.63
N ARG B 64 -8.45 -21.48 16.11
CA ARG B 64 -9.19 -20.69 17.09
C ARG B 64 -8.39 -20.51 18.39
N LYS B 65 -7.74 -21.58 18.85
CA LYS B 65 -6.93 -21.48 20.06
C LYS B 65 -5.75 -20.55 19.84
N PHE B 66 -5.02 -20.73 18.73
CA PHE B 66 -3.88 -19.86 18.43
C PHE B 66 -4.32 -18.41 18.27
N LEU B 67 -5.55 -18.19 17.80
CA LEU B 67 -6.02 -16.83 17.60
C LEU B 67 -6.56 -16.23 18.90
N GLN B 68 -7.13 -17.07 19.78
CA GLN B 68 -7.68 -16.56 21.02
C GLN B 68 -6.61 -15.97 21.93
N ARG B 69 -5.36 -16.40 21.79
CA ARG B 69 -4.27 -15.85 22.59
C ARG B 69 -4.17 -14.33 22.44
N PHE B 70 -4.49 -13.81 21.25
CA PHE B 70 -4.43 -12.38 21.00
C PHE B 70 -5.80 -11.72 21.02
N LEU B 71 -6.88 -12.50 20.95
CA LEU B 71 -8.22 -11.93 21.08
C LEU B 71 -8.70 -11.96 22.53
N ARG B 72 -8.29 -12.98 23.28
CA ARG B 72 -8.54 -12.99 24.71
C ARG B 72 -7.69 -11.90 25.38
N GLU B 73 -8.20 -11.37 26.49
CA GLU B 73 -7.59 -10.24 27.18
C GLU B 73 -6.10 -10.48 27.47
N GLY B 74 -5.31 -9.42 27.29
CA GLY B 74 -3.89 -9.44 27.51
C GLY B 74 -3.39 -8.00 27.56
N PRO B 75 -2.07 -7.80 27.42
CA PRO B 75 -1.57 -6.40 27.45
C PRO B 75 -2.07 -5.57 26.28
N ASN B 76 -1.89 -6.05 25.05
CA ASN B 76 -2.37 -5.38 23.85
C ASN B 76 -3.33 -6.34 23.17
N LYS B 77 -4.59 -6.31 23.59
CA LYS B 77 -5.60 -7.23 23.08
C LYS B 77 -6.03 -6.81 21.67
N THR B 78 -6.05 -7.77 20.76
CA THR B 78 -6.47 -7.51 19.39
C THR B 78 -7.99 -7.38 19.31
N GLY B 79 -8.46 -6.46 18.48
CA GLY B 79 -9.86 -6.15 18.41
C GLY B 79 -10.68 -7.27 17.78
N THR B 80 -12.01 -7.10 17.87
CA THR B 80 -12.96 -8.09 17.36
C THR B 80 -13.99 -7.45 16.43
N SER B 81 -13.65 -6.34 15.80
CA SER B 81 -14.61 -5.60 14.98
C SER B 81 -14.64 -6.10 13.54
N CYS B 82 -13.47 -6.25 12.90
CA CYS B 82 -13.43 -6.62 11.50
C CYS B 82 -12.21 -7.49 11.25
N ALA B 83 -12.33 -8.37 10.26
CA ALA B 83 -11.25 -9.25 9.85
C ALA B 83 -11.28 -9.40 8.33
N LEU B 84 -10.15 -9.82 7.78
CA LEU B 84 -10.01 -10.01 6.34
C LEU B 84 -9.52 -11.43 6.08
N ASP B 85 -10.31 -12.21 5.33
CA ASP B 85 -9.92 -13.56 4.98
C ASP B 85 -9.21 -13.51 3.64
N CYS B 86 -7.88 -13.61 3.68
CA CYS B 86 -7.07 -13.70 2.48
C CYS B 86 -6.94 -15.17 2.10
N GLY B 87 -6.14 -15.43 1.07
CA GLY B 87 -6.01 -16.76 0.53
C GLY B 87 -7.09 -17.07 -0.49
N ALA B 88 -8.28 -17.47 -0.02
CA ALA B 88 -9.52 -17.59 -0.80
C ALA B 88 -10.52 -18.51 -0.12
N GLY B 89 -11.34 -19.15 -0.95
CA GLY B 89 -12.28 -20.17 -0.52
C GLY B 89 -13.72 -19.75 -0.72
N ILE B 90 -14.61 -20.72 -0.45
CA ILE B 90 -16.04 -20.52 -0.43
C ILE B 90 -16.42 -19.98 0.94
N GLY B 91 -15.42 -19.65 1.74
CA GLY B 91 -15.63 -19.17 3.09
C GLY B 91 -15.42 -20.20 4.17
N ARG B 92 -14.56 -21.20 3.93
CA ARG B 92 -14.35 -22.25 4.93
C ARG B 92 -13.86 -21.65 6.25
N ILE B 93 -12.74 -20.94 6.21
CA ILE B 93 -12.22 -20.31 7.42
C ILE B 93 -13.08 -19.12 7.81
N THR B 94 -13.61 -18.40 6.82
CA THR B 94 -14.49 -17.26 7.07
C THR B 94 -15.69 -17.67 7.93
N LYS B 95 -16.34 -18.77 7.56
CA LYS B 95 -17.58 -19.17 8.24
C LYS B 95 -17.31 -19.67 9.65
N ARG B 96 -16.43 -20.67 9.78
CA ARG B 96 -16.27 -21.38 11.05
C ARG B 96 -15.48 -20.55 12.07
N LEU B 97 -14.45 -19.83 11.61
CA LEU B 97 -13.50 -19.17 12.50
C LEU B 97 -13.77 -17.68 12.65
N LEU B 98 -13.75 -16.94 11.55
CA LEU B 98 -13.77 -15.48 11.63
C LEU B 98 -15.15 -14.96 12.00
N LEU B 99 -16.20 -15.42 11.31
CA LEU B 99 -17.53 -14.88 11.55
C LEU B 99 -17.99 -15.00 13.01
N PRO B 100 -17.78 -16.11 13.73
CA PRO B 100 -18.20 -16.13 15.13
C PRO B 100 -17.42 -15.17 16.01
N LEU B 101 -16.19 -14.82 15.63
CA LEU B 101 -15.34 -14.00 16.48
C LEU B 101 -15.43 -12.52 16.16
N PHE B 102 -15.46 -12.18 14.87
CA PHE B 102 -15.45 -10.79 14.43
C PHE B 102 -16.84 -10.42 13.90
N ARG B 103 -17.15 -9.13 13.99
CA ARG B 103 -18.45 -8.65 13.51
C ARG B 103 -18.55 -8.80 11.99
N GLU B 104 -17.67 -8.11 11.26
CA GLU B 104 -17.62 -8.17 9.81
C GLU B 104 -16.34 -8.88 9.35
N VAL B 105 -16.45 -9.53 8.20
CA VAL B 105 -15.32 -10.24 7.60
C VAL B 105 -15.32 -9.97 6.12
N ASP B 106 -14.16 -9.62 5.56
CA ASP B 106 -14.00 -9.42 4.14
C ASP B 106 -13.23 -10.59 3.54
N MET B 107 -13.48 -10.85 2.26
CA MET B 107 -12.88 -11.97 1.55
C MET B 107 -12.29 -11.51 0.22
N VAL B 108 -11.22 -12.18 -0.19
CA VAL B 108 -10.54 -11.91 -1.45
C VAL B 108 -10.11 -13.22 -2.09
N ASP B 109 -10.31 -13.33 -3.40
CA ASP B 109 -10.04 -14.56 -4.13
C ASP B 109 -9.84 -14.22 -5.60
N ILE B 110 -9.08 -15.08 -6.29
CA ILE B 110 -8.87 -14.89 -7.71
C ILE B 110 -9.88 -15.68 -8.56
N THR B 111 -10.50 -16.71 -7.99
CA THR B 111 -11.45 -17.56 -8.71
C THR B 111 -12.84 -17.07 -8.35
N GLU B 112 -13.47 -16.35 -9.28
CA GLU B 112 -14.80 -15.79 -9.03
C GLU B 112 -15.81 -16.89 -8.69
N ASP B 113 -15.67 -18.07 -9.29
CA ASP B 113 -16.61 -19.15 -9.05
C ASP B 113 -16.75 -19.47 -7.56
N PHE B 114 -15.63 -19.48 -6.84
CA PHE B 114 -15.68 -19.79 -5.41
C PHE B 114 -16.37 -18.70 -4.62
N LEU B 115 -16.15 -17.43 -4.99
CA LEU B 115 -16.77 -16.32 -4.27
C LEU B 115 -18.27 -16.29 -4.45
N VAL B 116 -18.77 -16.75 -5.60
CA VAL B 116 -20.22 -16.78 -5.81
C VAL B 116 -20.86 -17.80 -4.89
N GLN B 117 -20.31 -19.02 -4.85
CA GLN B 117 -20.82 -20.06 -3.97
C GLN B 117 -20.67 -19.71 -2.50
N ALA B 118 -19.82 -18.73 -2.17
CA ALA B 118 -19.62 -18.35 -0.77
C ALA B 118 -20.90 -17.86 -0.12
N LYS B 119 -21.73 -17.13 -0.86
CA LYS B 119 -23.00 -16.67 -0.32
C LYS B 119 -23.95 -17.83 -0.02
N THR B 120 -23.67 -19.02 -0.57
CA THR B 120 -24.47 -20.20 -0.30
C THR B 120 -23.92 -21.04 0.84
N TYR B 121 -22.60 -21.08 1.00
CA TYR B 121 -22.00 -21.93 2.02
C TYR B 121 -22.49 -21.57 3.42
N LEU B 122 -22.25 -20.33 3.86
CA LEU B 122 -22.79 -19.89 5.15
C LEU B 122 -24.14 -19.21 5.02
N GLY B 123 -24.25 -18.21 4.13
CA GLY B 123 -25.52 -17.58 3.86
C GLY B 123 -26.09 -16.77 5.00
N GLU B 124 -26.61 -17.44 6.01
CA GLU B 124 -27.35 -16.77 7.08
C GLU B 124 -26.47 -15.76 7.81
N GLU B 125 -25.29 -16.19 8.26
CA GLU B 125 -24.33 -15.27 8.84
C GLU B 125 -23.37 -14.69 7.81
N GLY B 126 -23.32 -15.27 6.60
CA GLY B 126 -22.50 -14.74 5.53
C GLY B 126 -22.93 -13.38 5.02
N LYS B 127 -24.06 -12.87 5.49
CA LYS B 127 -24.47 -11.52 5.16
C LYS B 127 -23.62 -10.49 5.89
N ARG B 128 -23.03 -10.85 7.03
CA ARG B 128 -22.10 -9.97 7.71
C ARG B 128 -20.78 -9.83 6.95
N VAL B 129 -20.53 -10.69 5.97
CA VAL B 129 -19.39 -10.51 5.07
C VAL B 129 -19.62 -9.23 4.29
N ARG B 130 -18.79 -8.22 4.55
CA ARG B 130 -19.07 -6.88 4.02
C ARG B 130 -18.73 -6.77 2.55
N ASN B 131 -17.56 -7.28 2.15
CA ASN B 131 -17.11 -7.13 0.77
C ASN B 131 -16.54 -8.45 0.26
N TYR B 132 -16.80 -8.73 -1.02
CA TYR B 132 -16.17 -9.83 -1.74
C TYR B 132 -15.27 -9.23 -2.81
N PHE B 133 -13.97 -9.52 -2.73
CA PHE B 133 -12.99 -9.01 -3.68
C PHE B 133 -12.54 -10.13 -4.60
N CYS B 134 -12.49 -9.85 -5.89
CA CYS B 134 -12.12 -10.82 -6.91
C CYS B 134 -10.88 -10.32 -7.64
N CYS B 135 -9.70 -10.69 -7.11
CA CYS B 135 -8.43 -10.35 -7.74
C CYS B 135 -7.34 -11.15 -7.05
N GLY B 136 -6.16 -11.15 -7.67
CA GLY B 136 -5.02 -11.82 -7.07
C GLY B 136 -4.36 -10.96 -6.00
N LEU B 137 -3.70 -11.64 -5.06
CA LEU B 137 -3.02 -10.92 -3.98
C LEU B 137 -1.88 -10.05 -4.50
N GLN B 138 -1.23 -10.47 -5.59
CA GLN B 138 -0.19 -9.65 -6.19
C GLN B 138 -0.71 -8.31 -6.70
N ASP B 139 -2.02 -8.17 -6.84
CA ASP B 139 -2.63 -6.91 -7.29
C ASP B 139 -3.55 -6.30 -6.25
N PHE B 140 -3.78 -6.97 -5.12
CA PHE B 140 -4.74 -6.50 -4.12
C PHE B 140 -4.09 -5.53 -3.15
N THR B 141 -4.77 -4.43 -2.88
CA THR B 141 -4.31 -3.41 -1.93
C THR B 141 -5.43 -3.20 -0.91
N PRO B 142 -5.34 -3.79 0.28
CA PRO B 142 -6.42 -3.66 1.26
C PRO B 142 -6.59 -2.21 1.73
N GLU B 143 -7.77 -1.94 2.28
CA GLU B 143 -8.04 -0.64 2.86
C GLU B 143 -7.23 -0.46 4.14
N PRO B 144 -6.71 0.73 4.40
CA PRO B 144 -5.88 0.95 5.59
C PRO B 144 -6.73 1.12 6.84
N ASP B 145 -6.14 0.72 7.97
CA ASP B 145 -6.74 0.89 9.29
C ASP B 145 -8.16 0.30 9.33
N SER B 146 -8.29 -0.91 8.80
CA SER B 146 -9.60 -1.52 8.58
C SER B 146 -9.79 -2.83 9.32
N TYR B 147 -8.76 -3.69 9.35
CA TYR B 147 -8.92 -5.06 9.85
C TYR B 147 -8.14 -5.24 11.15
N ASP B 148 -8.72 -6.03 12.05
CA ASP B 148 -8.04 -6.44 13.28
C ASP B 148 -7.18 -7.67 13.08
N VAL B 149 -7.57 -8.56 12.17
CA VAL B 149 -6.81 -9.77 11.85
C VAL B 149 -6.83 -9.96 10.35
N ILE B 150 -5.66 -10.23 9.77
CA ILE B 150 -5.53 -10.50 8.34
C ILE B 150 -5.08 -11.95 8.22
N TRP B 151 -6.02 -12.84 7.91
CA TRP B 151 -5.75 -14.26 7.86
C TRP B 151 -5.36 -14.66 6.44
N ILE B 152 -4.22 -15.34 6.32
CA ILE B 152 -3.69 -15.77 5.02
C ILE B 152 -3.35 -17.25 5.17
N GLN B 153 -4.18 -18.10 4.59
CA GLN B 153 -4.05 -19.55 4.79
C GLN B 153 -4.00 -20.27 3.45
N TRP B 154 -2.95 -21.07 3.24
CA TRP B 154 -2.85 -22.00 2.12
C TRP B 154 -2.96 -21.29 0.76
N VAL B 155 -2.18 -20.22 0.58
CA VAL B 155 -2.17 -19.50 -0.68
C VAL B 155 -0.78 -19.01 -1.03
N ILE B 156 0.12 -18.94 -0.04
CA ILE B 156 1.42 -18.31 -0.27
C ILE B 156 2.25 -19.08 -1.29
N GLY B 157 1.88 -20.33 -1.58
CA GLY B 157 2.59 -21.09 -2.59
C GLY B 157 2.36 -20.60 -4.01
N HIS B 158 1.37 -19.73 -4.23
CA HIS B 158 1.04 -19.24 -5.56
C HIS B 158 1.64 -17.88 -5.86
N LEU B 159 2.32 -17.26 -4.90
CA LEU B 159 2.94 -15.97 -5.09
C LEU B 159 4.45 -16.12 -5.21
N THR B 160 5.06 -15.21 -5.97
CA THR B 160 6.51 -15.19 -6.09
C THR B 160 7.14 -14.68 -4.80
N ASP B 161 8.44 -14.95 -4.66
CA ASP B 161 9.18 -14.48 -3.49
C ASP B 161 9.10 -12.96 -3.36
N GLN B 162 9.03 -12.25 -4.49
CA GLN B 162 8.96 -10.80 -4.46
C GLN B 162 7.54 -10.32 -4.18
N HIS B 163 6.54 -10.94 -4.82
CA HIS B 163 5.16 -10.54 -4.60
C HIS B 163 4.69 -10.86 -3.19
N LEU B 164 5.16 -11.96 -2.61
CA LEU B 164 4.78 -12.30 -1.23
C LEU B 164 5.29 -11.24 -0.26
N ALA B 165 6.49 -10.72 -0.50
CA ALA B 165 7.01 -9.65 0.35
C ALA B 165 6.26 -8.34 0.10
N GLU B 166 5.95 -8.05 -1.17
CA GLU B 166 5.22 -6.83 -1.49
C GLU B 166 3.83 -6.83 -0.87
N PHE B 167 3.14 -7.98 -0.91
CA PHE B 167 1.80 -8.06 -0.35
C PHE B 167 1.81 -7.87 1.16
N LEU B 168 2.70 -8.57 1.85
CA LEU B 168 2.81 -8.42 3.30
C LEU B 168 3.19 -6.99 3.68
N ARG B 169 3.95 -6.30 2.83
CA ARG B 169 4.27 -4.90 3.09
C ARG B 169 3.03 -4.02 3.06
N ARG B 170 2.12 -4.29 2.12
CA ARG B 170 0.89 -3.51 2.02
C ARG B 170 -0.08 -3.83 3.15
N CYS B 171 -0.10 -5.09 3.60
CA CYS B 171 -1.02 -5.49 4.67
C CYS B 171 -0.67 -4.82 6.00
N LYS B 172 0.59 -4.47 6.21
CA LYS B 172 0.99 -3.84 7.47
C LYS B 172 0.24 -2.53 7.71
N GLY B 173 0.01 -1.76 6.64
CA GLY B 173 -0.73 -0.51 6.77
C GLY B 173 -2.23 -0.66 6.92
N SER B 174 -2.75 -1.87 6.73
CA SER B 174 -4.17 -2.14 6.83
C SER B 174 -4.60 -2.60 8.23
N LEU B 175 -3.66 -2.84 9.12
CA LEU B 175 -3.99 -3.33 10.46
C LEU B 175 -4.52 -2.22 11.34
N ARG B 176 -5.50 -2.56 12.17
CA ARG B 176 -6.00 -1.69 13.22
C ARG B 176 -5.05 -1.74 14.42
N PRO B 177 -5.19 -0.82 15.37
CA PRO B 177 -4.39 -0.92 16.60
C PRO B 177 -4.52 -2.29 17.25
N ASN B 178 -3.37 -2.83 17.66
CA ASN B 178 -3.23 -4.17 18.22
C ASN B 178 -3.57 -5.26 17.20
N GLY B 179 -3.81 -4.89 15.96
CA GLY B 179 -4.12 -5.87 14.94
C GLY B 179 -2.91 -6.73 14.60
N ILE B 180 -3.18 -7.95 14.12
CA ILE B 180 -2.14 -8.91 13.79
C ILE B 180 -2.37 -9.44 12.39
N ILE B 181 -1.31 -10.01 11.82
CA ILE B 181 -1.35 -10.72 10.55
C ILE B 181 -0.96 -12.16 10.82
N VAL B 182 -1.77 -13.10 10.33
CA VAL B 182 -1.59 -14.52 10.59
C VAL B 182 -1.34 -15.23 9.26
N ILE B 183 -0.29 -16.04 9.22
CA ILE B 183 0.06 -16.83 8.05
C ILE B 183 0.07 -18.29 8.48
N LYS B 184 -0.78 -19.11 7.85
CA LYS B 184 -0.86 -20.54 8.13
C LYS B 184 -0.83 -21.25 6.78
N ASP B 185 0.33 -21.77 6.40
CA ASP B 185 0.50 -22.37 5.09
C ASP B 185 1.47 -23.54 5.21
N ASN B 186 1.73 -24.18 4.07
CA ASN B 186 2.59 -25.36 4.05
C ASN B 186 4.06 -24.96 4.00
N MET B 187 4.88 -25.66 4.77
CA MET B 187 6.31 -25.42 4.83
C MET B 187 7.04 -26.71 4.52
N ALA B 188 7.94 -26.66 3.53
CA ALA B 188 8.73 -27.83 3.18
C ALA B 188 9.85 -28.03 4.19
N GLN B 189 10.40 -29.24 4.22
CA GLN B 189 11.47 -29.54 5.15
C GLN B 189 12.78 -28.89 4.70
N GLU B 190 13.04 -28.88 3.39
CA GLU B 190 14.30 -28.36 2.89
C GLU B 190 14.13 -28.00 1.42
N GLY B 191 14.29 -26.72 1.10
CA GLY B 191 14.27 -26.25 -0.27
C GLY B 191 12.91 -25.78 -0.74
N VAL B 192 12.90 -25.24 -1.95
CA VAL B 192 11.68 -24.79 -2.62
C VAL B 192 11.20 -25.90 -3.54
N ILE B 193 9.98 -26.37 -3.32
CA ILE B 193 9.38 -27.44 -4.11
C ILE B 193 8.41 -26.82 -5.09
N LEU B 194 8.67 -27.02 -6.39
CA LEU B 194 7.78 -26.54 -7.44
C LEU B 194 6.74 -27.62 -7.72
N ASP B 195 5.48 -27.30 -7.43
CA ASP B 195 4.37 -28.23 -7.64
C ASP B 195 3.68 -27.85 -8.95
N ASP B 196 4.11 -28.49 -10.04
CA ASP B 196 3.53 -28.24 -11.35
CA ASP B 196 3.53 -28.23 -11.35
C ASP B 196 2.13 -28.83 -11.50
N VAL B 197 1.63 -29.54 -10.48
CA VAL B 197 0.27 -30.08 -10.57
C VAL B 197 -0.77 -28.99 -10.37
N ASP B 198 -0.47 -28.01 -9.51
CA ASP B 198 -1.36 -26.87 -9.29
C ASP B 198 -0.63 -25.54 -9.41
N SER B 199 0.61 -25.53 -9.90
CA SER B 199 1.40 -24.31 -10.07
C SER B 199 1.59 -23.57 -8.75
N SER B 200 2.22 -24.26 -7.80
CA SER B 200 2.52 -23.67 -6.50
C SER B 200 3.92 -24.07 -6.07
N VAL B 201 4.57 -23.18 -5.32
CA VAL B 201 5.90 -23.43 -4.78
C VAL B 201 5.81 -23.51 -3.26
N CYS B 202 6.39 -24.56 -2.68
CA CYS B 202 6.46 -24.73 -1.24
C CYS B 202 7.86 -24.39 -0.76
N ARG B 203 7.94 -23.57 0.28
CA ARG B 203 9.20 -23.10 0.81
C ARG B 203 9.45 -23.68 2.20
N ASP B 204 10.69 -23.58 2.66
CA ASP B 204 11.05 -23.97 4.02
C ASP B 204 11.02 -22.74 4.93
N LEU B 205 11.13 -23.00 6.24
CA LEU B 205 11.03 -21.94 7.23
C LEU B 205 12.02 -20.81 6.97
N ASP B 206 13.21 -21.13 6.47
CA ASP B 206 14.23 -20.11 6.28
C ASP B 206 13.86 -19.15 5.15
N VAL B 207 13.48 -19.71 3.99
CA VAL B 207 13.11 -18.86 2.86
C VAL B 207 11.87 -18.03 3.20
N VAL B 208 10.92 -18.62 3.93
CA VAL B 208 9.72 -17.90 4.31
C VAL B 208 10.05 -16.78 5.29
N ARG B 209 10.81 -17.11 6.34
CA ARG B 209 11.16 -16.13 7.36
C ARG B 209 11.98 -14.99 6.77
N ARG B 210 12.80 -15.27 5.77
CA ARG B 210 13.54 -14.20 5.10
C ARG B 210 12.59 -13.24 4.39
N ILE B 211 11.56 -13.77 3.73
CA ILE B 211 10.59 -12.92 3.04
C ILE B 211 9.76 -12.13 4.05
N ILE B 212 9.36 -12.76 5.16
CA ILE B 212 8.55 -12.09 6.17
C ILE B 212 9.29 -10.89 6.74
N CYS B 213 10.55 -11.09 7.16
CA CYS B 213 11.31 -10.01 7.77
C CYS B 213 11.58 -8.87 6.79
N SER B 214 11.66 -9.17 5.50
CA SER B 214 11.92 -8.12 4.51
C SER B 214 10.74 -7.16 4.36
N ALA B 215 9.56 -7.54 4.85
CA ALA B 215 8.39 -6.68 4.79
C ALA B 215 8.29 -5.73 5.98
N GLY B 216 9.15 -5.88 6.99
CA GLY B 216 9.10 -5.02 8.15
C GLY B 216 8.16 -5.47 9.25
N LEU B 217 7.94 -6.76 9.41
CA LEU B 217 7.03 -7.29 10.40
C LEU B 217 7.77 -7.99 11.54
N SER B 218 7.15 -8.03 12.70
CA SER B 218 7.71 -8.65 13.88
C SER B 218 6.99 -9.96 14.18
N LEU B 219 7.76 -10.97 14.60
CA LEU B 219 7.18 -12.25 14.98
C LEU B 219 6.59 -12.15 16.39
N LEU B 220 5.30 -12.50 16.51
CA LEU B 220 4.62 -12.50 17.80
C LEU B 220 4.47 -13.90 18.40
N ALA B 221 4.24 -14.91 17.55
CA ALA B 221 4.11 -16.28 18.03
C ALA B 221 4.35 -17.22 16.85
N GLU B 222 4.94 -18.37 17.17
CA GLU B 222 5.24 -19.39 16.15
C GLU B 222 4.85 -20.74 16.71
N GLU B 223 3.94 -21.43 16.01
CA GLU B 223 3.40 -22.71 16.47
C GLU B 223 3.23 -23.63 15.28
N ARG B 224 3.48 -24.92 15.50
CA ARG B 224 3.32 -25.95 14.47
C ARG B 224 1.99 -26.66 14.67
N GLN B 225 1.19 -26.71 13.60
CA GLN B 225 -0.05 -27.47 13.66
C GLN B 225 0.24 -28.96 13.66
N GLU B 226 -0.28 -29.65 14.67
CA GLU B 226 -0.16 -31.10 14.77
C GLU B 226 -1.52 -31.73 14.50
N ASN B 227 -1.64 -33.02 14.85
CA ASN B 227 -2.85 -33.79 14.61
C ASN B 227 -3.22 -33.83 13.13
N LEU B 228 -2.19 -33.82 12.26
CA LEU B 228 -2.35 -33.85 10.82
C LEU B 228 -1.72 -35.12 10.24
N PRO B 229 -2.30 -35.67 9.16
CA PRO B 229 -1.67 -36.82 8.51
C PRO B 229 -0.24 -36.53 8.11
N ASP B 230 0.60 -37.56 8.19
CA ASP B 230 2.02 -37.40 7.90
C ASP B 230 2.31 -37.16 6.43
N GLU B 231 1.39 -37.55 5.53
CA GLU B 231 1.66 -37.47 4.10
C GLU B 231 1.83 -36.04 3.61
N ILE B 232 1.13 -35.08 4.22
CA ILE B 232 1.12 -33.71 3.73
C ILE B 232 2.34 -32.95 4.22
N TYR B 233 2.54 -31.75 3.68
CA TYR B 233 3.64 -30.89 4.11
C TYR B 233 3.46 -30.46 5.56
N HIS B 234 4.53 -29.92 6.13
CA HIS B 234 4.46 -29.37 7.48
C HIS B 234 3.69 -28.06 7.48
N VAL B 235 2.87 -27.87 8.51
CA VAL B 235 2.00 -26.70 8.62
C VAL B 235 2.45 -25.88 9.83
N TYR B 236 2.73 -24.60 9.61
CA TYR B 236 3.13 -23.69 10.67
C TYR B 236 2.23 -22.46 10.66
N SER B 237 2.05 -21.88 11.85
CA SER B 237 1.26 -20.66 12.01
C SER B 237 2.15 -19.57 12.59
N PHE B 238 2.10 -18.39 12.00
CA PHE B 238 2.88 -17.24 12.45
C PHE B 238 1.95 -16.07 12.75
N ALA B 239 2.22 -15.39 13.86
CA ALA B 239 1.49 -14.19 14.24
C ALA B 239 2.41 -12.99 14.06
N LEU B 240 2.00 -12.05 13.22
CA LEU B 240 2.85 -10.92 12.84
C LEU B 240 2.06 -9.63 12.99
N ARG B 241 2.79 -8.53 13.20
CA ARG B 241 2.19 -7.19 13.21
C ARG B 241 3.28 -6.12 13.04
N SAH C . 7.75 17.15 -0.32
CA SAH C . 8.21 17.37 1.04
CB SAH C . 7.94 18.80 1.48
CG SAH C . 9.17 19.70 1.39
SD SAH C . 8.76 21.43 1.69
C SAH C . 7.55 16.41 2.02
O SAH C . 6.75 16.80 2.86
OXT SAH C . 7.83 15.20 2.00
C5' SAH C . 9.77 22.05 0.31
C4' SAH C . 10.57 21.02 -0.49
O4' SAH C . 10.39 21.28 -1.87
C3' SAH C . 12.06 21.16 -0.20
O3' SAH C . 12.60 19.87 0.04
C2' SAH C . 12.66 21.74 -1.46
O2' SAH C . 13.87 21.11 -1.76
C1' SAH C . 11.63 21.43 -2.53
N9 SAH C . 11.55 22.52 -3.51
C8 SAH C . 11.39 23.86 -3.22
N7 SAH C . 11.37 24.56 -4.37
C5 SAH C . 11.52 23.69 -5.40
C6 SAH C . 11.57 23.88 -6.77
N6 SAH C . 11.46 25.10 -7.30
N1 SAH C . 11.74 22.78 -7.60
C2 SAH C . 11.86 21.52 -7.06
N3 SAH C . 11.80 21.35 -5.69
C4 SAH C . 11.64 22.42 -4.87
C10 KYF D . 6.05 28.31 7.83
N12 KYF D . 1.74 25.16 7.07
C13 KYF D . 2.30 23.81 6.79
C15 KYF D . 2.54 23.04 8.08
C17 KYF D . 4.91 23.68 6.56
C21 KYF D . 5.08 24.84 2.76
C22 KYF D . 3.99 25.18 1.96
C24 KYF D . 5.51 25.62 0.10
C26 KYF D . 6.59 25.29 0.90
C02 KYF D . 2.59 26.23 7.71
C04 KYF D . 3.98 28.17 7.49
C05 KYF D . 3.94 29.60 6.97
C07 KYF D . 5.50 29.03 5.28
C08 KYF D . 5.46 27.55 5.72
C09 KYF D . 5.26 27.43 7.01
C11 KYF D . 5.92 29.87 7.27
C14 KYF D . 1.31 23.05 5.95
C16 KYF D . 3.68 23.96 5.99
C19 KYF D . 4.86 24.45 4.10
C23 KYF D . 4.20 25.57 0.63
C27 KYF D . 6.38 24.89 2.23
F25 KYF D . 5.71 26.00 -1.21
N06 KYF D . 5.06 29.95 6.41
N20 KYF D . 3.68 24.36 4.70
O01 KYF D . 3.10 26.03 8.82
O03 KYF D . 2.81 27.46 7.04
S18 KYF D . 6.06 23.99 5.28
N SAH E . -8.34 -20.22 1.50
CA SAH E . -8.85 -21.56 1.20
CB SAH E . -7.79 -22.41 0.52
CG SAH E . -7.91 -22.48 -1.00
SD SAH E . -6.49 -23.35 -1.70
C SAH E . -9.34 -22.25 2.47
O SAH E . -8.73 -23.22 2.92
OXT SAH E . -10.34 -21.86 3.07
C5' SAH E . -6.20 -22.15 -3.04
C4' SAH E . -7.17 -20.99 -3.16
O4' SAH E . -6.42 -19.80 -3.32
C3' SAH E . -8.05 -21.13 -4.39
O3' SAH E . -9.38 -20.89 -4.04
C2' SAH E . -7.55 -20.08 -5.36
O2' SAH E . -8.65 -19.46 -6.00
C1' SAH E . -6.83 -19.08 -4.47
N9 SAH E . -5.63 -18.55 -5.16
C8 SAH E . -4.66 -19.28 -5.77
N7 SAH E . -3.73 -18.44 -6.27
C5 SAH E . -4.09 -17.17 -5.96
C6 SAH E . -3.50 -15.94 -6.23
N6 SAH E . -2.36 -15.88 -6.91
N1 SAH E . -4.11 -14.79 -5.79
C2 SAH E . -5.30 -14.85 -5.09
N3 SAH E . -5.88 -16.09 -4.83
C4 SAH E . -5.28 -17.22 -5.27
C10 KYF F . -2.52 -31.42 -3.34
N12 KYF F . -1.43 -30.78 1.90
C13 KYF F . -2.55 -29.96 2.43
C15 KYF F . -3.68 -30.84 2.92
C17 KYF F . -4.34 -29.19 0.68
C21 KYF F . -2.26 -26.17 -0.88
C22 KYF F . -0.99 -25.75 -0.54
C24 KYF F . -1.11 -24.00 -2.23
C26 KYF F . -2.37 -24.42 -2.56
C02 KYF F . -1.56 -31.53 0.61
C04 KYF F . -1.16 -31.64 -1.76
C05 KYF F . 0.00 -31.74 -2.73
C07 KYF F . -0.53 -29.61 -3.58
C08 KYF F . -1.63 -29.44 -2.53
C09 KYF F . -2.19 -30.58 -2.22
C11 KYF F . -1.21 -31.56 -4.35
C14 KYF F . -2.07 -29.11 3.58
C16 KYF F . -3.08 -29.00 1.25
C19 KYF F . -2.87 -27.26 -0.22
C23 KYF F . -0.40 -24.67 -1.21
C27 KYF F . -2.96 -25.50 -1.90
F25 KYF F . -0.53 -22.93 -2.88
N06 KYF F . -0.22 -31.08 -3.83
N20 KYF F . -2.33 -27.99 0.75
O01 KYF F . -2.46 -32.38 0.46
O03 KYF F . -0.66 -31.28 -0.46
S18 KYF F . -4.45 -27.93 -0.54
#